data_6OVC
#
_entry.id   6OVC
#
_cell.length_a   1.000
_cell.length_b   1.000
_cell.length_c   1.000
_cell.angle_alpha   90.00
_cell.angle_beta   90.00
_cell.angle_gamma   90.00
#
_symmetry.space_group_name_H-M   'P 1'
#
loop_
_entity.id
_entity.type
_entity.pdbx_description
1 polymer 'Induced myeloid leukemia cell differentiation protein Mcl-1'
2 non-polymer (2S)-N-(benzylsulfonyl)-4-(cyclobutylmethyl)-2-(2,4-dichlorophenyl)-3,4-dihydro-2H-1,4-benzoxazine-6-carboxamide
#
_entity_poly.entity_id   1
_entity_poly.type   'polypeptide(L)'
_entity_poly.pdbx_seq_one_letter_code
;MEDELYRQSLEIISRYLREQATGAKDTKPMGRSGATSRKALETLRRVGDGVQRNHETAFQGMLRKLDIKNEDDVKSLSRV
MIHVFSDGVTNWGRIVTLISFGAFVAKHLKTINQESSIEPLAESITDVLVRTKRDWLVKQRGWDGFVEFFHVEDLEGGHH
HHHH
;
_entity_poly.pdbx_strand_id   A
#
# COMPACT_ATOMS: atom_id res chain seq x y z
N MET A 1 8.45 -14.39 5.36
CA MET A 1 7.69 -13.14 5.15
C MET A 1 8.57 -11.92 5.38
N GLU A 2 8.96 -11.65 6.64
CA GLU A 2 9.80 -10.50 6.98
C GLU A 2 11.24 -10.66 6.45
N ASP A 3 11.81 -9.55 5.97
CA ASP A 3 13.16 -9.42 5.44
C ASP A 3 13.66 -7.98 5.68
N GLU A 4 14.93 -7.67 5.38
CA GLU A 4 15.42 -6.29 5.35
C GLU A 4 14.77 -5.45 4.23
N LEU A 5 14.27 -6.10 3.16
CA LEU A 5 13.46 -5.47 2.12
C LEU A 5 12.04 -5.13 2.60
N TYR A 6 11.54 -5.75 3.69
CA TYR A 6 10.22 -5.48 4.24
C TYR A 6 10.11 -4.08 4.90
N ARG A 7 11.26 -3.49 5.30
CA ARG A 7 11.34 -2.09 5.76
C ARG A 7 11.25 -1.08 4.60
N GLN A 8 11.29 -1.56 3.36
CA GLN A 8 11.04 -0.80 2.13
C GLN A 8 9.71 -1.19 1.46
N SER A 9 9.03 -2.24 1.95
CA SER A 9 7.78 -2.78 1.41
C SER A 9 6.55 -2.18 2.11
N LEU A 10 6.50 -2.34 3.44
CA LEU A 10 5.41 -1.88 4.30
C LEU A 10 5.37 -0.34 4.38
N GLU A 11 6.52 0.30 4.17
CA GLU A 11 6.72 1.75 4.17
C GLU A 11 6.22 2.45 2.89
N ILE A 12 5.69 1.70 1.91
CA ILE A 12 4.99 2.24 0.74
C ILE A 12 3.48 2.32 1.01
N ILE A 13 2.93 1.33 1.73
CA ILE A 13 1.50 1.11 1.82
C ILE A 13 0.94 1.69 3.13
N SER A 14 1.68 1.64 4.24
CA SER A 14 1.31 2.36 5.48
C SER A 14 1.36 3.88 5.33
N ARG A 15 2.15 4.40 4.36
CA ARG A 15 2.27 5.83 4.06
C ARG A 15 1.24 6.30 3.04
N TYR A 16 0.79 5.44 2.11
CA TYR A 16 -0.26 5.77 1.14
C TYR A 16 -1.68 5.60 1.70
N LEU A 17 -1.87 4.71 2.67
CA LEU A 17 -3.10 4.62 3.47
C LEU A 17 -3.34 5.92 4.26
N ARG A 18 -2.29 6.67 4.57
CA ARG A 18 -2.32 8.00 5.21
C ARG A 18 -2.31 9.15 4.18
N GLU A 19 -2.03 8.91 2.90
CA GLU A 19 -2.15 9.92 1.85
C GLU A 19 -3.62 10.26 1.56
N GLN A 20 -4.52 9.28 1.71
CA GLN A 20 -5.95 9.43 1.42
C GLN A 20 -6.80 9.58 2.68
N ALA A 21 -6.27 9.23 3.86
CA ALA A 21 -6.93 9.38 5.15
C ALA A 21 -6.51 10.64 5.93
N THR A 22 -5.30 11.17 5.68
CA THR A 22 -4.74 12.34 6.40
C THR A 22 -4.01 13.34 5.47
N GLY A 23 -3.94 13.07 4.15
CA GLY A 23 -3.29 13.95 3.16
C GLY A 23 -1.76 13.80 3.06
N ALA A 24 -1.14 12.91 3.84
CA ALA A 24 0.32 12.79 3.95
C ALA A 24 0.91 11.89 2.85
N LYS A 25 1.57 12.50 1.84
CA LYS A 25 2.28 11.83 0.76
C LYS A 25 3.76 11.51 1.07
N ASP A 26 4.21 11.81 2.30
CA ASP A 26 5.58 11.72 2.81
C ASP A 26 6.60 12.67 2.13
N THR A 27 7.54 13.20 2.92
CA THR A 27 8.62 14.11 2.48
C THR A 27 10.01 13.71 2.96
N LYS A 28 10.13 12.60 3.72
CA LYS A 28 11.36 12.10 4.33
C LYS A 28 11.47 10.59 4.08
N PRO A 29 12.41 10.12 3.23
CA PRO A 29 12.55 8.70 2.88
C PRO A 29 12.64 7.78 4.10
N MET A 30 12.01 6.62 3.96
CA MET A 30 11.49 5.82 5.08
C MET A 30 12.57 4.93 5.72
N GLY A 31 12.22 4.30 6.85
CA GLY A 31 13.14 3.59 7.74
C GLY A 31 13.99 2.51 7.05
N ARG A 32 15.25 2.40 7.48
CA ARG A 32 16.32 1.60 6.85
C ARG A 32 16.44 1.94 5.36
N SER A 33 16.24 0.98 4.47
CA SER A 33 16.08 1.22 3.02
C SER A 33 14.69 1.81 2.76
N GLY A 34 14.64 2.97 2.10
CA GLY A 34 13.40 3.73 1.89
C GLY A 34 13.44 4.77 0.78
N ALA A 35 14.50 4.79 -0.05
CA ALA A 35 14.58 5.65 -1.24
C ALA A 35 13.59 5.18 -2.32
N THR A 36 13.39 3.85 -2.45
CA THR A 36 12.33 3.25 -3.27
C THR A 36 10.94 3.54 -2.68
N SER A 37 10.82 3.63 -1.36
CA SER A 37 9.55 3.97 -0.71
C SER A 37 9.13 5.41 -0.98
N ARG A 38 10.09 6.34 -1.07
CA ARG A 38 9.85 7.74 -1.46
C ARG A 38 9.44 7.86 -2.93
N LYS A 39 10.10 7.11 -3.83
CA LYS A 39 9.81 7.05 -5.27
C LYS A 39 8.41 6.48 -5.57
N ALA A 40 7.97 5.49 -4.79
CA ALA A 40 6.67 4.84 -4.95
C ALA A 40 5.51 5.69 -4.42
N LEU A 41 5.75 6.50 -3.36
CA LEU A 41 4.76 7.45 -2.84
C LEU A 41 4.49 8.60 -3.81
N GLU A 42 5.50 9.04 -4.58
CA GLU A 42 5.31 10.01 -5.66
C GLU A 42 4.40 9.44 -6.76
N THR A 43 4.61 8.17 -7.14
CA THR A 43 3.89 7.51 -8.24
C THR A 43 2.41 7.25 -7.90
N LEU A 44 2.11 6.90 -6.63
CA LEU A 44 0.75 6.58 -6.15
C LEU A 44 -0.19 7.80 -6.09
N ARG A 45 0.32 9.03 -6.23
CA ARG A 45 -0.48 10.26 -6.36
C ARG A 45 -1.37 10.30 -7.61
N ARG A 46 -1.08 9.46 -8.62
CA ARG A 46 -1.84 9.36 -9.87
C ARG A 46 -2.34 7.95 -10.15
N VAL A 47 -1.51 6.90 -9.97
CA VAL A 47 -1.91 5.54 -10.31
C VAL A 47 -2.79 4.91 -9.23
N GLY A 48 -2.57 5.24 -7.95
CA GLY A 48 -3.45 4.87 -6.85
C GLY A 48 -4.73 5.70 -6.83
N ASP A 49 -4.62 7.02 -7.04
CA ASP A 49 -5.75 7.95 -7.00
C ASP A 49 -6.71 7.80 -8.21
N GLY A 50 -6.20 7.36 -9.36
CA GLY A 50 -7.00 7.05 -10.54
C GLY A 50 -7.88 5.80 -10.38
N VAL A 51 -7.53 4.92 -9.43
CA VAL A 51 -8.27 3.69 -9.12
C VAL A 51 -9.27 3.89 -7.97
N GLN A 52 -9.14 4.98 -7.21
CA GLN A 52 -10.19 5.50 -6.32
C GLN A 52 -11.37 6.15 -7.08
N ARG A 53 -11.31 6.23 -8.42
CA ARG A 53 -12.39 6.71 -9.29
C ARG A 53 -12.74 5.75 -10.44
N ASN A 54 -12.07 4.59 -10.54
CA ASN A 54 -12.35 3.56 -11.55
C ASN A 54 -12.88 2.26 -10.92
N HIS A 55 -12.47 1.91 -9.69
CA HIS A 55 -12.86 0.68 -8.98
C HIS A 55 -13.48 0.93 -7.59
N GLU A 56 -13.76 2.19 -7.21
CA GLU A 56 -14.33 2.52 -5.90
C GLU A 56 -15.83 2.20 -5.76
N THR A 57 -16.51 1.87 -6.86
CA THR A 57 -17.86 1.27 -6.83
C THR A 57 -17.82 -0.13 -6.21
N ALA A 58 -16.74 -0.89 -6.46
CA ALA A 58 -16.49 -2.20 -5.84
C ALA A 58 -15.94 -2.08 -4.41
N PHE A 59 -15.26 -0.98 -4.07
CA PHE A 59 -14.74 -0.74 -2.72
C PHE A 59 -15.88 -0.46 -1.73
N GLN A 60 -16.92 0.29 -2.16
CA GLN A 60 -18.14 0.52 -1.38
C GLN A 60 -18.98 -0.75 -1.22
N GLY A 61 -18.91 -1.68 -2.18
CA GLY A 61 -19.50 -3.02 -2.09
C GLY A 61 -18.82 -3.94 -1.07
N MET A 62 -17.71 -3.50 -0.46
CA MET A 62 -16.91 -4.22 0.54
C MET A 62 -16.55 -3.33 1.75
N LEU A 63 -17.23 -2.18 1.93
CA LEU A 63 -16.99 -1.21 2.99
C LEU A 63 -18.29 -0.63 3.57
N ARG A 64 -19.41 -0.66 2.82
CA ARG A 64 -20.77 -0.57 3.39
C ARG A 64 -21.24 -1.94 3.88
N LYS A 65 -20.70 -3.03 3.32
CA LYS A 65 -20.99 -4.42 3.66
C LYS A 65 -20.25 -4.86 4.93
N LEU A 66 -18.94 -4.57 5.00
CA LEU A 66 -18.09 -4.92 6.14
C LEU A 66 -18.17 -3.86 7.26
N ASP A 67 -18.41 -2.59 6.90
CA ASP A 67 -18.44 -1.42 7.80
C ASP A 67 -17.23 -1.39 8.75
N ILE A 68 -16.03 -1.34 8.16
CA ILE A 68 -14.75 -1.52 8.84
C ILE A 68 -14.50 -0.35 9.81
N LYS A 69 -14.65 -0.64 11.11
CA LYS A 69 -14.62 0.34 12.21
C LYS A 69 -13.80 -0.15 13.42
N ASN A 70 -13.02 -1.22 13.25
CA ASN A 70 -12.14 -1.81 14.26
C ASN A 70 -10.87 -2.37 13.59
N GLU A 71 -9.86 -2.70 14.41
CA GLU A 71 -8.72 -3.51 13.99
C GLU A 71 -9.08 -5.00 13.81
N ASP A 72 -10.19 -5.46 14.41
CA ASP A 72 -10.73 -6.81 14.23
C ASP A 72 -11.43 -6.98 12.87
N ASP A 73 -11.96 -5.90 12.29
CA ASP A 73 -12.52 -5.86 10.93
C ASP A 73 -11.43 -5.81 9.84
N VAL A 74 -10.14 -5.86 10.23
CA VAL A 74 -8.96 -5.71 9.37
C VAL A 74 -8.02 -6.91 9.50
N LYS A 75 -7.82 -7.43 10.73
CA LYS A 75 -6.98 -8.60 11.00
C LYS A 75 -7.65 -9.91 10.54
N SER A 76 -8.98 -9.92 10.40
CA SER A 76 -9.74 -11.01 9.78
C SER A 76 -9.56 -11.08 8.25
N LEU A 77 -9.18 -9.97 7.62
CA LEU A 77 -8.96 -9.85 6.17
C LEU A 77 -7.55 -10.31 5.74
N SER A 78 -6.64 -10.61 6.67
CA SER A 78 -5.28 -11.07 6.36
C SER A 78 -5.25 -12.50 5.80
N ARG A 79 -6.31 -13.29 6.01
CA ARG A 79 -6.52 -14.59 5.35
C ARG A 79 -6.99 -14.41 3.91
N VAL A 80 -7.82 -13.40 3.64
CA VAL A 80 -8.49 -13.18 2.35
C VAL A 80 -7.47 -12.86 1.24
N MET A 81 -6.45 -12.04 1.54
CA MET A 81 -5.54 -11.52 0.51
C MET A 81 -4.51 -12.54 0.01
N ILE A 82 -4.37 -13.70 0.68
CA ILE A 82 -3.58 -14.84 0.20
C ILE A 82 -4.10 -15.31 -1.18
N HIS A 83 -5.43 -15.31 -1.34
CA HIS A 83 -6.14 -15.78 -2.53
C HIS A 83 -6.30 -14.70 -3.61
N VAL A 84 -6.15 -13.42 -3.22
CA VAL A 84 -6.19 -12.26 -4.13
C VAL A 84 -4.89 -12.12 -4.93
N PHE A 85 -3.75 -12.48 -4.31
CA PHE A 85 -2.42 -12.39 -4.93
C PHE A 85 -2.10 -13.63 -5.77
N SER A 86 -1.64 -14.71 -5.12
CA SER A 86 -0.86 -15.79 -5.74
C SER A 86 0.36 -15.22 -6.49
N ASP A 87 0.33 -15.14 -7.83
CA ASP A 87 1.36 -14.46 -8.62
C ASP A 87 1.26 -12.93 -8.55
N GLY A 88 0.06 -12.38 -8.34
CA GLY A 88 -0.23 -10.95 -8.19
C GLY A 88 0.03 -10.09 -9.43
N VAL A 89 0.41 -10.71 -10.56
CA VAL A 89 0.93 -10.11 -11.80
C VAL A 89 2.25 -9.34 -11.59
N THR A 90 3.25 -9.67 -12.41
CA THR A 90 4.63 -9.15 -12.31
C THR A 90 4.80 -7.75 -12.94
N ASN A 91 3.74 -7.19 -13.54
CA ASN A 91 3.67 -5.77 -13.89
C ASN A 91 3.42 -4.86 -12.68
N TRP A 92 3.02 -5.44 -11.52
CA TRP A 92 2.72 -4.79 -10.24
C TRP A 92 1.52 -3.81 -10.24
N GLY A 93 0.91 -3.52 -11.39
CA GLY A 93 -0.20 -2.58 -11.55
C GLY A 93 -1.57 -3.11 -11.08
N ARG A 94 -1.71 -4.44 -10.96
CA ARG A 94 -2.93 -5.11 -10.46
C ARG A 94 -3.04 -5.05 -8.92
N ILE A 95 -1.89 -4.91 -8.24
CA ILE A 95 -1.76 -4.79 -6.79
C ILE A 95 -2.24 -3.39 -6.32
N VAL A 96 -2.17 -2.38 -7.20
CA VAL A 96 -2.58 -0.99 -6.93
C VAL A 96 -4.06 -0.88 -6.57
N THR A 97 -4.92 -1.77 -7.07
CA THR A 97 -6.35 -1.76 -6.73
C THR A 97 -6.61 -2.21 -5.29
N LEU A 98 -5.75 -3.06 -4.70
CA LEU A 98 -5.81 -3.40 -3.28
C LEU A 98 -5.21 -2.30 -2.40
N ILE A 99 -4.18 -1.59 -2.88
CA ILE A 99 -3.51 -0.50 -2.17
C ILE A 99 -4.43 0.74 -2.07
N SER A 100 -5.21 1.02 -3.11
CA SER A 100 -6.22 2.10 -3.15
C SER A 100 -7.57 1.71 -2.53
N PHE A 101 -7.87 0.40 -2.43
CA PHE A 101 -8.95 -0.10 -1.58
C PHE A 101 -8.61 0.13 -0.10
N GLY A 102 -7.39 -0.24 0.31
CA GLY A 102 -6.89 -0.03 1.67
C GLY A 102 -6.83 1.44 2.06
N ALA A 103 -6.53 2.33 1.12
CA ALA A 103 -6.46 3.78 1.37
C ALA A 103 -7.86 4.42 1.54
N PHE A 104 -8.90 3.82 0.95
CA PHE A 104 -10.30 4.22 1.12
C PHE A 104 -10.95 3.61 2.38
N VAL A 105 -10.48 2.44 2.82
CA VAL A 105 -10.82 1.83 4.11
C VAL A 105 -10.16 2.60 5.27
N ALA A 106 -8.93 3.10 5.08
CA ALA A 106 -8.22 3.95 6.03
C ALA A 106 -8.90 5.31 6.21
N LYS A 107 -9.58 5.82 5.16
CA LYS A 107 -10.36 7.06 5.18
C LYS A 107 -11.68 6.89 5.95
N HIS A 108 -12.28 5.70 5.94
CA HIS A 108 -13.45 5.35 6.76
C HIS A 108 -13.08 5.09 8.24
N LEU A 109 -11.84 4.67 8.50
CA LEU A 109 -11.28 4.55 9.85
C LEU A 109 -10.89 5.91 10.43
N LYS A 110 -10.57 6.92 9.59
CA LYS A 110 -10.38 8.32 10.02
C LYS A 110 -11.69 9.13 10.09
N THR A 111 -12.82 8.58 9.64
CA THR A 111 -14.15 9.13 9.93
C THR A 111 -14.53 8.91 11.41
N ILE A 112 -13.93 7.89 12.05
CA ILE A 112 -14.01 7.61 13.50
C ILE A 112 -12.66 7.86 14.22
N ASN A 113 -11.70 8.50 13.55
CA ASN A 113 -10.39 8.95 14.07
C ASN A 113 -9.51 7.84 14.68
N GLN A 114 -9.64 6.60 14.18
CA GLN A 114 -8.75 5.48 14.51
C GLN A 114 -7.48 5.50 13.66
N GLU A 115 -6.40 4.91 14.19
CA GLU A 115 -5.08 4.81 13.53
C GLU A 115 -4.34 3.51 13.85
N SER A 116 -4.62 2.88 15.01
CA SER A 116 -4.17 1.53 15.35
C SER A 116 -4.94 0.42 14.59
N SER A 117 -5.96 0.81 13.81
CA SER A 117 -6.69 -0.04 12.86
C SER A 117 -6.14 0.07 11.42
N ILE A 118 -5.27 1.05 11.15
CA ILE A 118 -4.68 1.33 9.83
C ILE A 118 -3.24 0.78 9.75
N GLU A 119 -2.55 0.61 10.89
CA GLU A 119 -1.30 -0.15 10.99
C GLU A 119 -1.46 -1.63 10.57
N PRO A 120 -2.45 -2.41 11.07
CA PRO A 120 -2.70 -3.78 10.63
C PRO A 120 -3.36 -3.85 9.24
N LEU A 121 -3.88 -2.74 8.69
CA LEU A 121 -4.45 -2.68 7.34
C LEU A 121 -3.34 -2.66 6.28
N ALA A 122 -2.22 -2.00 6.59
CA ALA A 122 -1.02 -2.02 5.75
C ALA A 122 -0.35 -3.40 5.77
N GLU A 123 -0.43 -4.14 6.89
CA GLU A 123 0.09 -5.50 7.03
C GLU A 123 -0.84 -6.55 6.39
N SER A 124 -2.16 -6.33 6.43
CA SER A 124 -3.17 -7.19 5.79
C SER A 124 -3.00 -7.21 4.26
N ILE A 125 -2.39 -6.17 3.71
CA ILE A 125 -1.95 -6.09 2.31
C ILE A 125 -0.53 -6.64 2.18
N THR A 126 0.46 -6.05 2.87
CA THR A 126 1.88 -6.18 2.50
C THR A 126 2.57 -7.39 3.14
N ASP A 127 2.24 -7.76 4.38
CA ASP A 127 2.79 -8.96 5.03
C ASP A 127 2.26 -10.23 4.35
N VAL A 128 1.07 -10.14 3.74
CA VAL A 128 0.42 -11.21 2.97
C VAL A 128 0.89 -11.22 1.51
N LEU A 129 1.32 -10.07 0.98
CA LEU A 129 1.94 -9.97 -0.35
C LEU A 129 3.33 -10.61 -0.35
N VAL A 130 4.12 -10.43 0.72
CA VAL A 130 5.43 -11.07 0.91
C VAL A 130 5.32 -12.48 1.53
N ARG A 131 4.10 -12.99 1.75
CA ARG A 131 3.82 -14.41 2.02
C ARG A 131 3.69 -15.20 0.71
N THR A 132 3.09 -14.58 -0.31
CA THR A 132 2.88 -15.15 -1.65
C THR A 132 3.99 -14.77 -2.66
N LYS A 133 4.79 -13.74 -2.34
CA LYS A 133 6.03 -13.34 -3.03
C LYS A 133 7.20 -13.31 -2.04
N ARG A 134 7.35 -14.40 -1.27
CA ARG A 134 8.39 -14.57 -0.24
C ARG A 134 9.82 -14.63 -0.78
N ASP A 135 9.97 -14.85 -2.10
CA ASP A 135 11.23 -14.68 -2.83
C ASP A 135 11.07 -13.84 -4.11
N TRP A 136 9.85 -13.55 -4.58
CA TRP A 136 9.63 -12.89 -5.88
C TRP A 136 9.69 -11.36 -5.80
N LEU A 137 9.37 -10.74 -4.65
CA LEU A 137 9.71 -9.34 -4.38
C LEU A 137 11.20 -9.17 -4.10
N VAL A 138 11.85 -10.18 -3.52
CA VAL A 138 13.28 -10.17 -3.15
C VAL A 138 14.16 -10.31 -4.41
N LYS A 139 13.73 -11.08 -5.41
CA LYS A 139 14.44 -11.32 -6.67
C LYS A 139 14.23 -10.20 -7.67
N GLN A 140 12.97 -9.81 -7.93
CA GLN A 140 12.61 -8.85 -8.97
C GLN A 140 12.81 -7.40 -8.55
N ARG A 141 12.93 -7.13 -7.23
CA ARG A 141 12.86 -5.79 -6.61
C ARG A 141 11.60 -5.07 -7.10
N GLY A 142 10.44 -5.69 -6.86
CA GLY A 142 9.15 -5.33 -7.45
C GLY A 142 8.59 -3.96 -7.05
N TRP A 143 9.17 -3.32 -6.03
CA TRP A 143 8.83 -1.95 -5.61
C TRP A 143 9.52 -0.88 -6.46
N ASP A 144 10.71 -1.19 -7.00
CA ASP A 144 11.34 -0.40 -8.08
C ASP A 144 10.69 -0.72 -9.43
N GLY A 145 10.28 -1.98 -9.64
CA GLY A 145 9.58 -2.43 -10.84
C GLY A 145 8.20 -1.77 -11.01
N PHE A 146 7.53 -1.42 -9.90
CA PHE A 146 6.29 -0.64 -9.88
C PHE A 146 6.52 0.80 -10.36
N VAL A 147 7.61 1.43 -9.91
CA VAL A 147 7.99 2.80 -10.30
C VAL A 147 8.44 2.84 -11.77
N GLU A 148 9.10 1.78 -12.27
CA GLU A 148 9.57 1.68 -13.66
C GLU A 148 8.43 1.36 -14.65
N PHE A 149 7.32 0.78 -14.18
CA PHE A 149 6.15 0.46 -15.01
C PHE A 149 5.22 1.66 -15.24
N PHE A 150 5.37 2.75 -14.47
CA PHE A 150 4.54 3.94 -14.57
C PHE A 150 5.37 5.23 -14.68
N HIS A 151 6.08 5.62 -13.60
CA HIS A 151 6.88 6.85 -13.47
C HIS A 151 6.12 8.16 -13.79
N VAL A 152 4.79 8.15 -13.66
CA VAL A 152 3.90 9.24 -14.11
C VAL A 152 3.97 10.50 -13.24
N GLU A 153 4.43 10.37 -11.99
CA GLU A 153 4.54 11.46 -11.01
C GLU A 153 5.86 11.44 -10.22
N ASP A 154 6.76 10.47 -10.45
CA ASP A 154 8.09 10.39 -9.85
C ASP A 154 9.16 11.15 -10.67
N LEU A 155 8.77 12.28 -11.27
CA LEU A 155 9.67 13.18 -12.00
C LEU A 155 10.62 13.94 -11.05
N GLU A 156 10.30 14.02 -9.76
CA GLU A 156 11.20 14.49 -8.71
C GLU A 156 12.27 13.46 -8.32
N GLY A 157 12.06 12.19 -8.68
CA GLY A 157 13.02 11.09 -8.49
C GLY A 157 13.10 10.53 -7.06
N GLY A 158 12.32 11.05 -6.10
CA GLY A 158 12.31 10.58 -4.71
C GLY A 158 13.67 10.75 -4.02
N HIS A 159 14.11 9.69 -3.32
CA HIS A 159 15.41 9.53 -2.65
C HIS A 159 15.82 10.69 -1.71
N HIS A 160 17.11 10.72 -1.31
CA HIS A 160 17.73 11.66 -0.38
C HIS A 160 17.12 11.61 1.03
N HIS A 161 17.64 10.70 1.85
CA HIS A 161 17.10 10.39 3.18
C HIS A 161 17.13 11.57 4.16
N HIS A 162 16.10 11.59 5.01
CA HIS A 162 15.91 12.50 6.15
C HIS A 162 15.27 11.74 7.31
N HIS A 163 15.51 12.20 8.54
CA HIS A 163 15.09 11.56 9.80
C HIS A 163 15.57 10.11 9.94
N HIS A 164 14.77 9.13 9.47
CA HIS A 164 15.11 7.70 9.43
C HIS A 164 14.47 7.06 8.19
#